data_4KMZ
#
_entry.id   4KMZ
#
_cell.length_a   96.861
_cell.length_b   96.861
_cell.length_c   98.337
_cell.angle_alpha   90.00
_cell.angle_beta   90.00
_cell.angle_gamma   120.00
#
_symmetry.space_group_name_H-M   'P 61 2 2'
#
loop_
_entity.id
_entity.type
_entity.pdbx_description
1 polymer 'Folate receptor beta'
2 branched 2-acetamido-2-deoxy-beta-D-glucopyranose-(1-4)-2-acetamido-2-deoxy-beta-D-glucopyranose
3 non-polymer 'FOLIC ACID'
4 non-polymer 'POTASSIUM ION'
5 non-polymer 'CHLORIDE ION'
6 water water
#
_entity_poly.entity_id   1
_entity_poly.type   'polypeptide(L)'
_entity_poly.pdbx_seq_one_letter_code
;GSRTDLLNVCMDAKHHKTKPGPEDKLHDQCSPWKKNACCTASTSQELHKDTSRLYNFNWDHCGKMEPACKRHFIQDTCLY
ECSPNLGPWIQQVNQSWRKERFLDVPLCKEDCQRWWEDCHTSHTCKSNWHRGWDWTSGVNKCPAGALCRTFESYFPTPAA
LCEGLWSHSYKVSNYSRGSGRCIQMWFDSAQGNPNEEVARFYAAAMH
;
_entity_poly.pdbx_strand_id   A
#
loop_
_chem_comp.id
_chem_comp.type
_chem_comp.name
_chem_comp.formula
CL non-polymer 'CHLORIDE ION' 'Cl -1'
FOL non-polymer 'FOLIC ACID' 'C19 H19 N7 O6'
K non-polymer 'POTASSIUM ION' 'K 1'
NAG D-saccharide, beta linking 2-acetamido-2-deoxy-beta-D-glucopyranose 'C8 H15 N O6'
#
# COMPACT_ATOMS: atom_id res chain seq x y z
N THR A 4 10.71 -20.24 7.20
CA THR A 4 11.57 -19.07 7.32
C THR A 4 11.92 -18.48 5.94
N ASP A 5 11.62 -19.22 4.89
CA ASP A 5 11.89 -18.77 3.53
C ASP A 5 10.98 -17.61 3.13
N LEU A 6 9.91 -17.44 3.89
CA LEU A 6 8.98 -16.35 3.65
C LEU A 6 9.35 -15.10 4.47
N LEU A 7 10.43 -15.16 5.23
CA LEU A 7 10.82 -14.03 6.07
C LEU A 7 11.91 -13.18 5.40
N ASN A 8 11.83 -11.85 5.59
CA ASN A 8 12.85 -10.95 5.06
C ASN A 8 13.07 -11.10 3.54
N VAL A 9 12.00 -10.97 2.77
CA VAL A 9 12.14 -11.03 1.31
C VAL A 9 11.50 -9.82 0.61
N CYS A 10 11.86 -9.64 -0.66
CA CYS A 10 11.24 -8.63 -1.51
C CYS A 10 10.61 -9.37 -2.66
N MET A 11 9.35 -9.10 -2.94
CA MET A 11 8.69 -9.76 -4.07
C MET A 11 9.25 -9.25 -5.41
N ASP A 12 9.09 -10.05 -6.45
CA ASP A 12 9.54 -9.68 -7.78
C ASP A 12 8.51 -8.77 -8.47
N ALA A 13 8.62 -7.46 -8.22
CA ALA A 13 7.71 -6.46 -8.79
C ALA A 13 8.48 -5.28 -9.42
N LYS A 14 7.73 -4.30 -9.91
CA LYS A 14 8.27 -3.30 -10.84
C LYS A 14 9.49 -2.53 -10.35
N HIS A 15 9.51 -2.15 -9.07
CA HIS A 15 10.60 -1.32 -8.55
C HIS A 15 11.41 -1.99 -7.43
N HIS A 16 10.89 -3.07 -6.88
CA HIS A 16 11.49 -3.69 -5.71
C HIS A 16 12.96 -4.05 -5.90
N LYS A 17 13.76 -3.89 -4.85
CA LYS A 17 15.10 -4.47 -4.81
C LYS A 17 15.00 -6.01 -4.82
N THR A 18 16.06 -6.67 -5.26
CA THR A 18 16.11 -8.13 -5.22
C THR A 18 16.00 -8.67 -3.80
N LYS A 19 16.60 -7.97 -2.85
CA LYS A 19 16.66 -8.43 -1.46
C LYS A 19 16.63 -7.23 -0.50
N PRO A 20 16.12 -7.45 0.73
CA PRO A 20 15.94 -6.32 1.67
C PRO A 20 17.25 -5.87 2.29
N GLY A 21 17.46 -4.56 2.35
CA GLY A 21 18.68 -4.04 2.94
C GLY A 21 18.45 -2.75 3.70
N PRO A 22 19.50 -2.26 4.39
CA PRO A 22 19.42 -0.97 5.06
C PRO A 22 19.34 0.14 4.00
N GLU A 23 18.48 1.12 4.23
CA GLU A 23 18.36 2.29 3.35
C GLU A 23 18.26 3.56 4.18
N ASP A 24 19.42 4.08 4.57
CA ASP A 24 19.48 5.21 5.49
C ASP A 24 18.72 6.46 5.04
N LYS A 25 18.60 6.67 3.72
CA LYS A 25 18.07 7.95 3.24
C LYS A 25 16.64 7.86 2.71
N LEU A 26 15.89 6.87 3.16
CA LEU A 26 14.48 6.77 2.78
C LEU A 26 13.78 8.09 3.12
N HIS A 27 12.92 8.54 2.22
CA HIS A 27 12.39 9.89 2.31
C HIS A 27 11.14 9.97 3.19
N ASP A 28 11.12 10.98 4.05
CA ASP A 28 9.92 11.33 4.81
C ASP A 28 9.10 10.11 5.29
N GLN A 29 7.95 9.88 4.68
CA GLN A 29 7.03 8.88 5.22
C GLN A 29 7.60 7.45 5.24
N CYS A 30 8.51 7.13 4.33
CA CYS A 30 9.10 5.79 4.30
C CYS A 30 10.23 5.57 5.32
N SER A 31 10.73 6.63 5.93
CA SER A 31 11.89 6.49 6.82
C SER A 31 11.74 5.42 7.93
N PRO A 32 10.50 5.11 8.35
CA PRO A 32 10.39 4.06 9.38
C PRO A 32 10.89 2.71 8.89
N TRP A 33 11.10 2.60 7.57
CA TRP A 33 11.61 1.37 6.95
C TRP A 33 13.12 1.40 6.73
N LYS A 34 13.81 2.42 7.23
CA LYS A 34 15.21 2.65 6.85
C LYS A 34 16.21 1.60 7.36
N LYS A 35 15.81 0.76 8.31
CA LYS A 35 16.73 -0.25 8.82
C LYS A 35 16.74 -1.51 7.95
N ASN A 36 15.64 -1.72 7.22
CA ASN A 36 15.47 -2.89 6.35
C ASN A 36 14.34 -2.64 5.36
N ALA A 37 14.68 -2.35 4.10
CA ALA A 37 13.66 -2.00 3.09
C ALA A 37 13.79 -2.73 1.75
N CYS A 38 12.67 -2.84 1.04
CA CYS A 38 12.68 -3.39 -0.31
C CYS A 38 12.70 -2.30 -1.38
N CYS A 39 12.65 -1.05 -0.92
CA CYS A 39 12.65 0.10 -1.82
C CYS A 39 13.99 0.85 -1.78
N THR A 40 14.34 1.53 -2.86
CA THR A 40 15.51 2.40 -2.88
C THR A 40 15.14 3.79 -2.37
N ALA A 41 16.14 4.61 -2.07
CA ALA A 41 15.90 5.99 -1.63
C ALA A 41 15.15 6.74 -2.71
N SER A 42 15.63 6.57 -3.95
CA SER A 42 15.01 7.18 -5.13
C SER A 42 13.51 6.85 -5.22
N THR A 43 13.16 5.59 -5.00
CA THR A 43 11.76 5.17 -5.03
C THR A 43 10.96 5.82 -3.90
N SER A 44 11.50 5.76 -2.68
CA SER A 44 10.83 6.35 -1.53
C SER A 44 10.58 7.85 -1.75
N GLN A 45 11.51 8.49 -2.45
CA GLN A 45 11.37 9.90 -2.80
C GLN A 45 10.28 10.12 -3.83
N GLU A 46 10.29 9.31 -4.88
CA GLU A 46 9.36 9.50 -5.96
C GLU A 46 7.91 9.27 -5.54
N LEU A 47 7.69 8.34 -4.62
CA LEU A 47 6.32 7.99 -4.27
C LEU A 47 5.59 9.09 -3.48
N HIS A 48 6.33 10.10 -3.03
CA HIS A 48 5.73 11.24 -2.32
C HIS A 48 5.17 12.28 -3.29
N LYS A 49 5.51 12.13 -4.57
CA LYS A 49 5.17 13.13 -5.57
C LYS A 49 3.79 12.88 -6.16
N ASP A 50 3.09 13.96 -6.50
CA ASP A 50 1.83 13.80 -7.20
C ASP A 50 2.12 13.27 -8.59
N THR A 51 1.35 12.28 -9.02
CA THR A 51 1.57 11.64 -10.31
C THR A 51 3.06 11.29 -10.50
N SER A 52 3.58 10.43 -9.63
CA SER A 52 4.98 9.99 -9.69
C SER A 52 5.27 9.27 -11.00
N ARG A 53 6.57 9.17 -11.30
CA ARG A 53 7.05 8.39 -12.44
C ARG A 53 7.04 6.89 -12.14
N LEU A 54 6.72 6.52 -10.90
CA LEU A 54 6.64 5.11 -10.52
C LEU A 54 5.57 4.38 -11.34
N TYR A 55 4.35 4.94 -11.36
CA TYR A 55 3.25 4.36 -12.10
C TYR A 55 2.47 5.40 -12.89
N ASN A 56 2.93 6.64 -12.86
CA ASN A 56 2.19 7.75 -13.44
C ASN A 56 0.78 7.85 -12.87
N PHE A 57 0.64 7.53 -11.58
CA PHE A 57 -0.69 7.48 -10.97
C PHE A 57 -1.10 8.80 -10.30
N ASN A 58 -2.23 9.33 -10.75
CA ASN A 58 -2.76 10.58 -10.23
C ASN A 58 -3.78 10.33 -9.11
N TRP A 59 -3.46 10.82 -7.92
CA TRP A 59 -4.37 10.76 -6.78
C TRP A 59 -5.48 11.79 -6.93
N ASP A 60 -5.17 12.90 -7.58
CA ASP A 60 -6.15 13.97 -7.76
C ASP A 60 -6.96 13.78 -9.04
N HIS A 61 -7.46 12.58 -9.26
CA HIS A 61 -8.20 12.28 -10.50
C HIS A 61 -9.65 12.77 -10.44
N CYS A 62 -10.15 13.06 -9.23
CA CYS A 62 -11.45 13.72 -9.08
C CYS A 62 -11.30 14.96 -8.21
N GLY A 63 -10.60 15.96 -8.73
CA GLY A 63 -10.22 17.12 -7.93
C GLY A 63 -9.05 16.78 -7.02
N LYS A 64 -8.65 17.74 -6.20
CA LYS A 64 -7.51 17.53 -5.31
C LYS A 64 -7.91 16.67 -4.11
N MET A 65 -7.13 15.62 -3.87
CA MET A 65 -7.33 14.78 -2.69
C MET A 65 -6.83 15.50 -1.44
N GLU A 66 -7.63 15.49 -0.39
CA GLU A 66 -7.27 16.12 0.88
C GLU A 66 -5.95 15.57 1.43
N PRO A 67 -5.09 16.45 1.97
CA PRO A 67 -3.79 16.03 2.53
C PRO A 67 -3.95 14.94 3.57
N ALA A 68 -4.96 15.06 4.42
CA ALA A 68 -5.20 14.09 5.48
C ALA A 68 -5.49 12.71 4.91
N CYS A 69 -5.96 12.67 3.67
CA CYS A 69 -6.28 11.42 2.99
C CYS A 69 -5.09 10.94 2.17
N LYS A 70 -4.46 11.87 1.46
CA LYS A 70 -3.34 11.54 0.59
C LYS A 70 -2.16 10.91 1.34
N ARG A 71 -1.91 11.34 2.57
CA ARG A 71 -0.82 10.78 3.37
C ARG A 71 -0.97 9.26 3.54
N HIS A 72 -2.22 8.80 3.67
CA HIS A 72 -2.49 7.38 3.81
C HIS A 72 -2.13 6.61 2.55
N PHE A 73 -2.41 7.19 1.39
CA PHE A 73 -2.00 6.56 0.14
C PHE A 73 -0.48 6.55 0.02
N ILE A 74 0.18 7.63 0.46
CA ILE A 74 1.64 7.66 0.44
C ILE A 74 2.18 6.58 1.37
N GLN A 75 1.63 6.54 2.58
CA GLN A 75 1.97 5.53 3.57
C GLN A 75 1.82 4.10 3.03
N ASP A 76 0.67 3.83 2.42
CA ASP A 76 0.42 2.55 1.75
C ASP A 76 1.48 2.22 0.70
N THR A 77 1.81 3.19 -0.15
CA THR A 77 2.85 3.01 -1.15
C THR A 77 4.22 2.71 -0.50
N CYS A 78 4.52 3.36 0.63
CA CYS A 78 5.76 3.04 1.36
C CYS A 78 5.80 1.55 1.70
N LEU A 79 4.74 1.07 2.33
CA LEU A 79 4.63 -0.34 2.71
C LEU A 79 4.72 -1.26 1.49
N TYR A 80 3.95 -0.97 0.46
CA TYR A 80 3.97 -1.77 -0.75
C TYR A 80 5.40 -1.87 -1.31
N GLU A 81 6.08 -0.74 -1.44
CA GLU A 81 7.40 -0.73 -2.06
C GLU A 81 8.55 -1.17 -1.14
N CYS A 82 8.40 -0.97 0.16
CA CYS A 82 9.54 -1.09 1.07
C CYS A 82 9.52 -2.33 1.95
N SER A 83 8.32 -2.81 2.22
CA SER A 83 8.13 -3.87 3.22
C SER A 83 8.82 -5.18 2.89
N PRO A 84 9.75 -5.59 3.76
CA PRO A 84 10.43 -6.88 3.60
C PRO A 84 9.69 -7.95 4.39
N ASN A 85 8.48 -7.65 4.86
CA ASN A 85 7.78 -8.55 5.77
C ASN A 85 6.42 -9.03 5.28
N LEU A 86 6.22 -9.05 3.97
CA LEU A 86 4.96 -9.50 3.39
C LEU A 86 5.09 -10.88 2.75
N GLY A 87 6.23 -11.53 2.98
CA GLY A 87 6.53 -12.84 2.45
C GLY A 87 5.38 -13.82 2.41
N PRO A 88 4.74 -14.07 3.58
CA PRO A 88 3.69 -15.09 3.67
C PRO A 88 2.47 -14.82 2.80
N TRP A 89 2.35 -13.61 2.25
CA TRP A 89 1.18 -13.29 1.45
C TRP A 89 1.53 -13.03 -0.02
N ILE A 90 2.80 -13.19 -0.36
CA ILE A 90 3.24 -13.05 -1.73
C ILE A 90 2.68 -14.18 -2.60
N GLN A 91 2.16 -13.81 -3.76
CA GLN A 91 1.66 -14.79 -4.72
C GLN A 91 2.18 -14.44 -6.11
N GLN A 92 2.29 -15.45 -6.96
CA GLN A 92 2.73 -15.22 -8.33
C GLN A 92 1.52 -14.86 -9.19
N VAL A 93 1.62 -13.78 -9.95
CA VAL A 93 0.48 -13.28 -10.70
C VAL A 93 0.78 -13.09 -12.19
N ASN A 94 2.06 -13.08 -12.54
CA ASN A 94 2.46 -12.95 -13.94
C ASN A 94 1.72 -11.81 -14.67
N GLN A 95 2.03 -10.58 -14.29
CA GLN A 95 1.45 -9.39 -14.91
C GLN A 95 2.52 -8.60 -15.65
N SER A 96 2.12 -7.70 -16.52
CA SER A 96 3.06 -6.96 -17.35
C SER A 96 4.03 -6.12 -16.51
N TRP A 97 3.56 -5.62 -15.37
CA TRP A 97 4.38 -4.70 -14.59
C TRP A 97 4.83 -5.27 -13.24
N ARG A 98 4.62 -6.58 -13.06
CA ARG A 98 5.03 -7.25 -11.83
C ARG A 98 4.75 -8.73 -11.94
N LYS A 99 5.73 -9.57 -11.58
CA LYS A 99 5.55 -11.02 -11.64
C LYS A 99 4.98 -11.56 -10.34
N GLU A 100 5.11 -10.79 -9.26
CA GLU A 100 4.52 -11.16 -7.98
C GLU A 100 3.77 -9.98 -7.36
N ARG A 101 2.93 -10.27 -6.38
CA ARG A 101 2.26 -9.24 -5.57
C ARG A 101 1.89 -9.89 -4.25
N PHE A 102 1.27 -9.13 -3.36
CA PHE A 102 0.73 -9.73 -2.15
C PHE A 102 -0.79 -9.59 -2.09
N LEU A 103 -1.43 -10.55 -1.42
CA LEU A 103 -2.89 -10.62 -1.36
C LEU A 103 -3.31 -11.09 0.01
N ASP A 104 -4.42 -10.55 0.50
CA ASP A 104 -4.94 -10.91 1.81
C ASP A 104 -3.93 -10.72 2.95
N VAL A 105 -3.11 -9.66 2.86
CA VAL A 105 -2.31 -9.26 4.00
C VAL A 105 -3.26 -8.78 5.10
N PRO A 106 -3.08 -9.29 6.32
CA PRO A 106 -3.94 -8.95 7.46
C PRO A 106 -3.65 -7.55 7.99
N LEU A 107 -4.31 -6.56 7.41
CA LEU A 107 -4.13 -5.18 7.80
C LEU A 107 -4.90 -4.93 9.10
N CYS A 108 -4.27 -4.28 10.08
CA CYS A 108 -4.95 -3.99 11.36
C CYS A 108 -6.19 -3.11 11.15
N LYS A 109 -7.29 -3.49 11.79
CA LYS A 109 -8.55 -2.76 11.62
C LYS A 109 -8.44 -1.24 11.83
N GLU A 110 -7.76 -0.80 12.88
CA GLU A 110 -7.65 0.63 13.17
C GLU A 110 -7.00 1.40 12.04
N ASP A 111 -6.04 0.76 11.37
CA ASP A 111 -5.40 1.41 10.24
C ASP A 111 -6.39 1.60 9.09
N CYS A 112 -7.14 0.56 8.78
CA CYS A 112 -8.19 0.66 7.77
C CYS A 112 -9.21 1.75 8.16
N GLN A 113 -9.70 1.67 9.38
CA GLN A 113 -10.67 2.64 9.89
C GLN A 113 -10.19 4.08 9.73
N ARG A 114 -8.94 4.33 10.13
CA ARG A 114 -8.38 5.68 10.07
C ARG A 114 -8.27 6.19 8.65
N TRP A 115 -7.83 5.30 7.75
CA TRP A 115 -7.68 5.60 6.34
C TRP A 115 -9.03 5.99 5.74
N TRP A 116 -10.03 5.13 5.93
CA TRP A 116 -11.37 5.38 5.46
C TRP A 116 -11.91 6.73 5.97
N GLU A 117 -11.80 6.96 7.27
CA GLU A 117 -12.32 8.20 7.87
C GLU A 117 -11.63 9.46 7.34
N ASP A 118 -10.31 9.42 7.24
CA ASP A 118 -9.57 10.56 6.74
C ASP A 118 -9.84 10.82 5.24
N CYS A 119 -10.33 9.81 4.54
CA CYS A 119 -10.58 9.94 3.10
C CYS A 119 -12.05 10.20 2.78
N HIS A 120 -12.85 10.28 3.82
CA HIS A 120 -14.29 10.52 3.71
C HIS A 120 -14.65 11.71 2.81
N THR A 121 -13.99 12.83 3.06
CA THR A 121 -14.28 14.07 2.36
C THR A 121 -13.60 14.17 0.99
N SER A 122 -12.88 13.13 0.59
CA SER A 122 -12.26 13.14 -0.74
C SER A 122 -13.15 12.50 -1.81
N HIS A 123 -12.64 12.45 -3.05
CA HIS A 123 -13.45 12.02 -4.18
C HIS A 123 -12.78 11.01 -5.11
N THR A 124 -13.60 10.20 -5.77
CA THR A 124 -13.10 9.24 -6.75
C THR A 124 -14.18 8.83 -7.77
N CYS A 125 -13.77 8.05 -8.76
CA CYS A 125 -14.69 7.61 -9.80
C CYS A 125 -14.69 6.09 -9.96
N LYS A 126 -13.83 5.41 -9.22
CA LYS A 126 -13.71 3.95 -9.31
C LYS A 126 -13.46 3.30 -7.96
N SER A 127 -13.87 2.03 -7.83
CA SER A 127 -13.69 1.28 -6.58
C SER A 127 -12.51 0.31 -6.67
N ASN A 128 -12.04 0.08 -7.89
CA ASN A 128 -10.84 -0.71 -8.12
C ASN A 128 -9.83 0.15 -8.86
N TRP A 129 -8.74 0.51 -8.19
CA TRP A 129 -7.77 1.42 -8.79
C TRP A 129 -6.65 0.73 -9.57
N HIS A 130 -6.64 -0.60 -9.59
CA HIS A 130 -5.66 -1.33 -10.39
C HIS A 130 -6.05 -1.46 -11.86
N ARG A 131 -7.36 -1.57 -12.13
CA ARG A 131 -7.86 -1.86 -13.48
C ARG A 131 -9.01 -0.96 -13.92
N GLY A 132 -8.90 -0.42 -15.15
CA GLY A 132 -10.00 0.30 -15.74
C GLY A 132 -9.78 1.75 -16.12
N TRP A 133 -8.63 2.31 -15.77
CA TRP A 133 -8.37 3.74 -16.03
C TRP A 133 -8.22 4.04 -17.51
N ASP A 134 -8.41 5.30 -17.89
CA ASP A 134 -8.05 5.78 -19.23
C ASP A 134 -6.62 6.34 -19.19
N TRP A 135 -5.68 5.55 -19.71
CA TRP A 135 -4.25 5.88 -19.65
C TRP A 135 -3.73 6.57 -20.91
N THR A 136 -4.63 6.84 -21.84
CA THR A 136 -4.21 7.32 -23.16
C THR A 136 -3.58 8.70 -23.13
N SER A 137 -3.71 9.42 -22.02
CA SER A 137 -2.99 10.69 -21.87
C SER A 137 -1.65 10.46 -21.16
N GLY A 138 -1.43 9.24 -20.67
CA GLY A 138 -0.20 8.93 -19.98
C GLY A 138 -0.38 8.83 -18.48
N VAL A 139 -1.40 9.51 -17.95
CA VAL A 139 -1.78 9.35 -16.54
C VAL A 139 -3.22 8.87 -16.45
N ASN A 140 -3.56 8.18 -15.37
CA ASN A 140 -4.90 7.61 -15.25
C ASN A 140 -5.99 8.68 -15.19
N LYS A 141 -7.00 8.55 -16.03
CA LYS A 141 -8.17 9.42 -15.99
C LYS A 141 -9.43 8.57 -15.92
N CYS A 142 -10.48 9.12 -15.31
CA CYS A 142 -11.72 8.36 -15.16
C CYS A 142 -12.19 7.83 -16.51
N PRO A 143 -12.50 6.53 -16.57
CA PRO A 143 -12.97 5.92 -17.82
C PRO A 143 -14.42 6.31 -18.10
N ALA A 144 -14.92 5.90 -19.26
CA ALA A 144 -16.32 6.12 -19.61
C ALA A 144 -17.23 5.43 -18.59
N GLY A 145 -18.31 6.10 -18.21
CA GLY A 145 -19.27 5.54 -17.26
C GLY A 145 -18.91 5.77 -15.80
N ALA A 146 -17.66 6.15 -15.55
CA ALA A 146 -17.19 6.40 -14.18
C ALA A 146 -17.37 7.87 -13.78
N LEU A 147 -18.25 8.13 -12.81
CA LEU A 147 -18.49 9.50 -12.38
C LEU A 147 -17.71 9.77 -11.11
N CYS A 148 -17.29 11.02 -10.92
CA CYS A 148 -16.69 11.38 -9.64
C CYS A 148 -17.79 11.48 -8.59
N ARG A 149 -17.49 10.93 -7.42
CA ARG A 149 -18.40 10.94 -6.28
C ARG A 149 -17.53 10.96 -5.03
N THR A 150 -18.15 11.09 -3.86
CA THR A 150 -17.43 10.95 -2.60
C THR A 150 -16.80 9.56 -2.47
N PHE A 151 -15.75 9.45 -1.65
CA PHE A 151 -15.14 8.15 -1.36
C PHE A 151 -16.18 7.21 -0.80
N GLU A 152 -17.00 7.73 0.11
CA GLU A 152 -18.04 6.95 0.74
C GLU A 152 -18.98 6.29 -0.28
N SER A 153 -19.16 6.95 -1.42
CA SER A 153 -20.00 6.38 -2.46
C SER A 153 -19.40 5.09 -3.06
N TYR A 154 -18.12 5.11 -3.39
CA TYR A 154 -17.46 3.94 -3.96
C TYR A 154 -16.95 2.96 -2.92
N PHE A 155 -16.80 3.46 -1.69
CA PHE A 155 -16.34 2.64 -0.56
C PHE A 155 -17.20 2.89 0.67
N PRO A 156 -18.37 2.23 0.75
CA PRO A 156 -19.37 2.50 1.79
C PRO A 156 -18.89 2.14 3.19
N THR A 157 -17.96 1.20 3.28
CA THR A 157 -17.34 0.79 4.54
C THR A 157 -15.81 0.82 4.45
N PRO A 158 -15.14 0.92 5.60
CA PRO A 158 -13.68 0.78 5.64
C PRO A 158 -13.18 -0.44 4.86
N ALA A 159 -13.75 -1.61 5.11
CA ALA A 159 -13.29 -2.82 4.41
C ALA A 159 -13.37 -2.68 2.89
N ALA A 160 -14.35 -1.91 2.40
CA ALA A 160 -14.53 -1.79 0.95
C ALA A 160 -13.34 -1.05 0.32
N LEU A 161 -12.85 -0.03 1.02
CA LEU A 161 -11.70 0.73 0.59
C LEU A 161 -10.42 -0.09 0.72
N CYS A 162 -10.20 -0.61 1.92
CA CYS A 162 -8.97 -1.31 2.28
C CYS A 162 -8.75 -2.58 1.46
N GLU A 163 -9.82 -3.35 1.28
CA GLU A 163 -9.73 -4.61 0.55
C GLU A 163 -9.93 -4.40 -0.97
N GLY A 164 -10.89 -3.57 -1.32
CA GLY A 164 -11.28 -3.39 -2.70
C GLY A 164 -10.41 -2.45 -3.53
N LEU A 165 -9.87 -1.39 -2.92
CA LEU A 165 -9.18 -0.37 -3.71
C LEU A 165 -7.99 -0.95 -4.47
N TRP A 166 -7.13 -1.70 -3.76
CA TRP A 166 -6.00 -2.36 -4.42
C TRP A 166 -6.26 -3.85 -4.64
N SER A 167 -7.46 -4.17 -5.15
CA SER A 167 -7.84 -5.53 -5.52
C SER A 167 -7.31 -6.60 -4.57
N HIS A 168 -7.60 -6.42 -3.28
CA HIS A 168 -7.33 -7.41 -2.23
C HIS A 168 -5.88 -7.65 -1.84
N SER A 169 -5.02 -6.66 -2.04
CA SER A 169 -3.71 -6.69 -1.41
C SER A 169 -3.89 -6.94 0.09
N TYR A 170 -4.93 -6.33 0.66
CA TYR A 170 -5.23 -6.47 2.08
C TYR A 170 -6.53 -7.21 2.28
N LYS A 171 -6.63 -7.96 3.40
CA LYS A 171 -7.92 -8.22 4.04
C LYS A 171 -7.91 -7.46 5.35
N VAL A 172 -9.09 -7.09 5.84
CA VAL A 172 -9.15 -6.37 7.11
C VAL A 172 -9.12 -7.36 8.28
N SER A 173 -8.08 -7.27 9.10
CA SER A 173 -7.95 -8.15 10.26
C SER A 173 -8.72 -7.57 11.44
N ASN A 174 -9.33 -8.44 12.25
CA ASN A 174 -10.03 -7.99 13.45
C ASN A 174 -9.07 -7.85 14.63
N TYR A 175 -7.78 -7.97 14.35
CA TYR A 175 -6.76 -7.79 15.36
C TYR A 175 -6.37 -6.32 15.46
N SER A 176 -5.88 -5.92 16.64
CA SER A 176 -5.54 -4.53 16.89
C SER A 176 -4.10 -4.21 16.56
N ARG A 177 -3.82 -2.94 16.31
CA ARG A 177 -2.45 -2.46 16.16
C ARG A 177 -1.67 -2.84 17.40
N GLY A 178 -0.52 -3.47 17.20
CA GLY A 178 0.32 -3.85 18.32
C GLY A 178 0.00 -5.22 18.89
N SER A 179 -0.91 -5.92 18.25
CA SER A 179 -1.27 -7.28 18.66
C SER A 179 -0.16 -8.26 18.28
N GLY A 180 0.65 -7.88 17.31
CA GLY A 180 1.59 -8.79 16.69
C GLY A 180 0.86 -9.80 15.79
N ARG A 181 -0.41 -9.53 15.54
CA ARG A 181 -1.23 -10.46 14.76
C ARG A 181 -1.77 -9.82 13.49
N CYS A 182 -1.37 -8.57 13.23
CA CYS A 182 -1.77 -7.91 11.99
C CYS A 182 -0.73 -6.88 11.55
N ILE A 183 -0.66 -6.69 10.24
CA ILE A 183 0.28 -5.74 9.65
C ILE A 183 -0.21 -4.32 9.88
N GLN A 184 0.68 -3.47 10.39
CA GLN A 184 0.42 -2.05 10.52
C GLN A 184 0.98 -1.28 9.33
N MET A 185 0.17 -0.42 8.75
CA MET A 185 0.65 0.52 7.74
C MET A 185 1.44 1.65 8.40
N TRP A 186 0.95 2.10 9.55
CA TRP A 186 1.57 3.19 10.30
C TRP A 186 2.23 2.69 11.57
N PHE A 187 3.55 2.80 11.66
CA PHE A 187 4.25 2.40 12.87
C PHE A 187 5.50 3.24 13.17
N ASP A 188 5.76 3.44 14.46
CA ASP A 188 7.04 3.91 14.95
C ASP A 188 8.00 2.70 14.93
N SER A 189 9.15 2.84 14.31
CA SER A 189 10.08 1.71 14.29
C SER A 189 11.35 2.00 15.08
N ALA A 190 11.27 2.92 16.02
CA ALA A 190 12.42 3.26 16.86
C ALA A 190 13.02 2.03 17.51
N GLN A 191 12.16 1.15 18.00
CA GLN A 191 12.60 -0.08 18.65
C GLN A 191 12.32 -1.32 17.84
N GLY A 192 12.43 -1.21 16.52
CA GLY A 192 12.21 -2.34 15.66
C GLY A 192 10.91 -2.25 14.90
N ASN A 193 10.95 -2.75 13.67
CA ASN A 193 9.76 -2.90 12.85
C ASN A 193 8.85 -3.98 13.42
N PRO A 194 7.64 -3.58 13.86
CA PRO A 194 6.65 -4.46 14.50
C PRO A 194 6.08 -5.52 13.56
N ASN A 195 6.19 -5.31 12.26
CA ASN A 195 5.64 -6.26 11.31
C ASN A 195 6.55 -7.45 11.05
N GLU A 196 7.79 -7.39 11.53
CA GLU A 196 8.67 -8.55 11.48
C GLU A 196 8.03 -9.67 12.28
N GLU A 197 7.59 -9.33 13.49
CA GLU A 197 7.00 -10.33 14.38
C GLU A 197 5.74 -10.92 13.75
N VAL A 198 4.99 -10.07 13.05
CA VAL A 198 3.76 -10.48 12.39
C VAL A 198 4.05 -11.53 11.31
N ALA A 199 5.00 -11.22 10.43
CA ALA A 199 5.40 -12.13 9.37
C ALA A 199 5.96 -13.42 9.96
N ARG A 200 6.69 -13.29 11.06
CA ARG A 200 7.23 -14.48 11.72
C ARG A 200 6.09 -15.37 12.19
N PHE A 201 5.14 -14.78 12.90
CA PHE A 201 4.01 -15.54 13.41
C PHE A 201 3.23 -16.26 12.32
N TYR A 202 2.89 -15.58 11.24
CA TYR A 202 2.04 -16.20 10.23
C TYR A 202 2.80 -17.16 9.31
N ALA A 203 4.12 -17.06 9.29
CA ALA A 203 4.94 -17.99 8.53
C ALA A 203 5.02 -19.32 9.28
N ALA A 204 5.05 -19.25 10.61
CA ALA A 204 5.09 -20.44 11.44
C ALA A 204 3.74 -21.16 11.47
N ALA A 205 2.67 -20.43 11.16
CA ALA A 205 1.33 -21.03 11.12
C ALA A 205 1.20 -22.07 9.99
N MET A 206 1.91 -21.85 8.88
CA MET A 206 2.00 -22.82 7.78
C MET A 206 0.66 -23.18 7.16
C1 NAG B . -13.36 -8.56 16.90
C2 NAG B . -14.42 -9.65 17.07
C3 NAG B . -15.53 -9.20 18.01
C4 NAG B . -14.92 -8.70 19.30
C5 NAG B . -13.88 -7.62 19.02
C6 NAG B . -13.27 -7.12 20.33
C7 NAG B . -14.91 -11.25 15.31
C8 NAG B . -15.63 -11.52 14.01
N2 NAG B . -14.99 -10.01 15.78
O3 NAG B . -16.40 -10.28 18.25
O4 NAG B . -15.93 -8.20 20.16
O5 NAG B . -12.89 -8.13 18.16
O6 NAG B . -12.14 -6.30 20.10
O7 NAG B . -14.28 -12.14 15.87
C1 NAG B . -16.56 -8.91 21.23
C2 NAG B . -17.41 -7.85 21.92
C3 NAG B . -18.27 -8.43 23.02
C4 NAG B . -19.04 -9.65 22.54
C5 NAG B . -18.18 -10.63 21.72
C6 NAG B . -19.08 -11.61 20.99
C7 NAG B . -16.94 -5.51 22.34
C8 NAG B . -16.82 -4.67 23.58
N2 NAG B . -16.57 -6.79 22.45
O3 NAG B . -19.21 -7.47 23.45
O4 NAG B . -19.59 -10.31 23.66
O5 NAG B . -17.37 -9.98 20.77
O6 NAG B . -18.34 -12.41 20.10
O7 NAG B . -17.36 -5.03 21.30
N1 FOL C . -0.72 -0.66 -2.60
C2 FOL C . -1.10 -1.92 -2.18
NA2 FOL C . -1.39 -2.13 -0.89
N3 FOL C . -1.15 -2.97 -3.08
C4 FOL C . -0.86 -2.77 -4.41
O4 FOL C . -0.89 -3.70 -5.21
C4A FOL C . -0.48 -1.50 -4.84
N5 FOL C . -0.19 -1.30 -6.17
C6 FOL C . 0.18 -0.04 -6.60
C7 FOL C . 0.25 1.02 -5.69
N8 FOL C . -0.06 0.82 -4.36
C8A FOL C . -0.42 -0.45 -3.93
C9 FOL C . 0.50 0.21 -8.06
N10 FOL C . -0.74 0.72 -8.64
C11 FOL C . -1.82 0.52 -12.63
C12 FOL C . -0.50 0.25 -12.26
C13 FOL C . -0.13 0.32 -10.91
C14 FOL C . -1.06 0.66 -9.94
C15 FOL C . -2.38 0.92 -10.31
C16 FOL C . -2.76 0.84 -11.66
C FOL C . -2.22 0.42 -14.08
O FOL C . -1.34 0.87 -15.10
N FOL C . -3.44 -0.08 -14.36
CA FOL C . -3.90 -0.40 -15.69
CB FOL C . -3.71 -1.88 -16.02
CG FOL C . -2.28 -2.37 -15.78
CD FOL C . -2.07 -3.79 -16.25
OE1 FOL C . -1.79 -4.02 -17.46
OE2 FOL C . -2.15 -4.76 -15.45
CT FOL C . -5.36 -0.04 -15.80
O1 FOL C . -5.76 1.12 -15.48
O2 FOL C . -6.19 -0.89 -16.20
K K D . 6.83 -3.65 7.16
CL CL E . -2.97 13.79 13.21
#